data_6D4F
#
_entry.id   6D4F
#
_cell.length_a   61.470
_cell.length_b   73.489
_cell.length_c   75.656
_cell.angle_alpha   90.00
_cell.angle_beta   90.00
_cell.angle_gamma   90.00
#
_symmetry.space_group_name_H-M   'P 21 21 21'
#
loop_
_entity.id
_entity.type
_entity.pdbx_description
1 polymer 'Receptor-type tyrosine-protein phosphatase epsilon'
2 non-polymer 'PENTAETHYLENE GLYCOL'
3 water water
#
_entity_poly.entity_id   1
_entity_poly.type   'polypeptide(L)'
_entity_poly.pdbx_seq_one_letter_code
;GGGGLEEEFRKLTNVRIMKENMRTGNLPANMKKNRYIQIIPYDFNRVILSMKRGQEYTDYINASFIDGYRQKDYFIATQG
PLAHTVEDFWRMIWEWKSHTIVMLTEVQEREQDKCYQYWPTEGSVTHGEITIEIKNDTLSEAISIRDFLVTLNQPQARQE
EQVRVVRQFHFHGWPDIGIPAEGKGMIDLIAAVQKQQQQTGNHPITVHCSAGAGRTGTFIALSNILERVKAEGLLDVFQA
VKSLRLQRPHMVQTLEQYEFCYKVVQDFIDIFSDYANFK
;
_entity_poly.pdbx_strand_id   A
#
# COMPACT_ATOMS: atom_id res chain seq x y z
N GLY A 4 14.86 -11.12 -21.87
CA GLY A 4 15.68 -10.12 -21.20
C GLY A 4 14.87 -9.05 -20.47
N LEU A 5 15.54 -8.35 -19.55
CA LEU A 5 14.83 -7.48 -18.62
C LEU A 5 14.18 -6.29 -19.32
N GLU A 6 14.88 -5.68 -20.29
CA GLU A 6 14.27 -4.56 -21.00
C GLU A 6 13.14 -5.01 -21.92
N GLU A 7 13.25 -6.18 -22.53
CA GLU A 7 12.14 -6.67 -23.34
C GLU A 7 10.92 -6.98 -22.47
N GLU A 8 11.13 -7.58 -21.30
CA GLU A 8 10.03 -7.83 -20.37
C GLU A 8 9.33 -6.53 -20.01
N PHE A 9 10.11 -5.50 -19.64
CA PHE A 9 9.49 -4.25 -19.21
C PHE A 9 8.77 -3.55 -20.35
N ARG A 10 9.24 -3.75 -21.58
CA ARG A 10 8.52 -3.22 -22.73
C ARG A 10 7.13 -3.84 -22.83
N LYS A 11 7.03 -5.16 -22.64
CA LYS A 11 5.70 -5.78 -22.66
C LYS A 11 4.85 -5.28 -21.50
N LEU A 12 5.46 -5.04 -20.34
CA LEU A 12 4.70 -4.52 -19.22
C LEU A 12 4.10 -3.15 -19.54
N THR A 13 4.92 -2.26 -20.13
N THR A 13 4.89 -2.26 -20.15
CA THR A 13 4.46 -0.95 -20.56
CA THR A 13 4.36 -0.94 -20.47
C THR A 13 3.21 -1.07 -21.43
C THR A 13 3.28 -0.98 -21.56
N ASN A 14 3.18 -2.06 -22.32
CA ASN A 14 2.08 -2.25 -23.27
C ASN A 14 0.78 -2.67 -22.60
N VAL A 15 0.80 -3.07 -21.34
CA VAL A 15 -0.44 -3.43 -20.66
C VAL A 15 -1.38 -2.24 -20.68
N ARG A 16 -2.56 -2.44 -21.24
CA ARG A 16 -3.51 -1.36 -21.47
C ARG A 16 -4.16 -0.92 -20.16
N ILE A 17 -4.33 0.39 -20.00
CA ILE A 17 -5.15 0.93 -18.93
C ILE A 17 -6.61 0.84 -19.36
N MET A 18 -7.43 0.19 -18.54
CA MET A 18 -8.77 -0.22 -18.97
C MET A 18 -9.80 0.80 -18.50
N LYS A 19 -9.79 1.95 -19.19
CA LYS A 19 -10.56 3.12 -18.78
C LYS A 19 -12.05 2.84 -18.72
N GLU A 20 -12.54 1.93 -19.57
CA GLU A 20 -13.94 1.51 -19.55
C GLU A 20 -14.45 1.16 -18.15
N ASN A 21 -13.55 0.81 -17.21
CA ASN A 21 -13.95 0.36 -15.88
C ASN A 21 -13.53 1.35 -14.79
N MET A 22 -13.26 2.60 -15.16
CA MET A 22 -12.81 3.60 -14.20
C MET A 22 -13.87 4.66 -13.92
N ARG A 23 -15.14 4.27 -13.84
CA ARG A 23 -16.20 5.27 -13.72
C ARG A 23 -16.15 6.00 -12.39
N THR A 24 -16.13 5.26 -11.26
CA THR A 24 -16.32 5.92 -9.97
C THR A 24 -15.23 6.96 -9.70
N GLY A 25 -13.97 6.57 -9.91
CA GLY A 25 -12.87 7.49 -9.66
C GLY A 25 -12.85 8.69 -10.59
N ASN A 26 -13.58 8.63 -11.70
CA ASN A 26 -13.64 9.73 -12.67
C ASN A 26 -14.86 10.62 -12.50
N LEU A 27 -15.76 10.30 -11.57
CA LEU A 27 -16.87 11.20 -11.30
C LEU A 27 -16.35 12.55 -10.83
N PRO A 28 -16.93 13.65 -11.31
CA PRO A 28 -16.46 14.99 -10.89
C PRO A 28 -16.29 15.17 -9.39
N ALA A 29 -17.25 14.72 -8.58
CA ALA A 29 -17.14 14.88 -7.13
C ALA A 29 -16.03 14.04 -6.51
N ASN A 30 -15.59 12.98 -7.19
CA ASN A 30 -14.51 12.14 -6.67
C ASN A 30 -13.13 12.53 -7.17
N MET A 31 -13.05 13.34 -8.24
CA MET A 31 -11.75 13.60 -8.87
C MET A 31 -10.84 14.42 -7.96
N LYS A 32 -11.42 15.23 -7.08
CA LYS A 32 -10.64 15.96 -6.10
C LYS A 32 -9.96 15.03 -5.09
N LYS A 33 -10.38 13.76 -5.02
CA LYS A 33 -9.82 12.79 -4.09
C LYS A 33 -8.66 12.00 -4.68
N ASN A 34 -8.25 12.33 -5.90
CA ASN A 34 -7.16 11.68 -6.60
C ASN A 34 -5.94 12.61 -6.64
N ARG A 35 -4.75 12.06 -6.44
CA ARG A 35 -3.54 12.85 -6.65
C ARG A 35 -3.17 12.95 -8.11
N TYR A 36 -3.47 11.91 -8.90
CA TYR A 36 -3.05 11.81 -10.29
C TYR A 36 -4.23 11.36 -11.12
N ILE A 37 -4.42 12.02 -12.25
CA ILE A 37 -5.52 11.68 -13.15
C ILE A 37 -5.37 10.26 -13.70
N GLN A 38 -4.14 9.78 -13.88
CA GLN A 38 -3.93 8.50 -14.56
C GLN A 38 -3.76 7.32 -13.59
N ILE A 39 -3.75 7.57 -12.28
N ILE A 39 -3.79 7.55 -12.29
CA ILE A 39 -3.72 6.50 -11.29
CA ILE A 39 -3.72 6.46 -11.32
C ILE A 39 -5.04 6.52 -10.52
C ILE A 39 -5.01 6.50 -10.52
N ILE A 40 -5.98 5.70 -10.96
CA ILE A 40 -7.33 5.67 -10.40
C ILE A 40 -7.71 4.20 -10.39
N PRO A 41 -8.37 3.70 -9.35
CA PRO A 41 -8.65 2.26 -9.30
C PRO A 41 -9.70 1.85 -10.31
N TYR A 42 -9.61 0.59 -10.73
CA TYR A 42 -10.70 -0.02 -11.46
C TYR A 42 -11.87 -0.31 -10.52
N ASP A 43 -13.09 -0.18 -11.06
CA ASP A 43 -14.27 -0.49 -10.26
C ASP A 43 -14.32 -1.95 -9.84
N PHE A 44 -13.73 -2.86 -10.62
CA PHE A 44 -13.85 -4.27 -10.25
C PHE A 44 -13.08 -4.61 -8.97
N ASN A 45 -12.10 -3.80 -8.55
CA ASN A 45 -11.43 -4.06 -7.27
C ASN A 45 -11.23 -2.82 -6.40
N ARG A 46 -11.84 -1.67 -6.73
CA ARG A 46 -11.67 -0.51 -5.85
C ARG A 46 -12.18 -0.83 -4.44
N VAL A 47 -11.56 -0.21 -3.44
CA VAL A 47 -11.99 -0.35 -2.05
C VAL A 47 -13.20 0.55 -1.82
N ILE A 48 -14.35 -0.05 -1.49
CA ILE A 48 -15.62 0.67 -1.35
C ILE A 48 -15.85 0.98 0.12
N LEU A 49 -16.16 2.24 0.42
CA LEU A 49 -16.46 2.65 1.79
C LEU A 49 -17.96 2.79 1.97
N SER A 50 -18.40 2.72 3.23
N SER A 50 -18.40 2.73 3.23
CA SER A 50 -19.80 2.92 3.57
CA SER A 50 -19.80 2.93 3.54
C SER A 50 -20.22 4.37 3.27
C SER A 50 -20.22 4.37 3.27
N MET A 51 -21.52 4.55 3.08
CA MET A 51 -22.08 5.89 2.91
C MET A 51 -23.10 6.17 3.99
N LYS A 52 -23.14 7.43 4.42
CA LYS A 52 -24.09 7.86 5.46
C LYS A 52 -25.28 8.59 4.86
N GLY A 54 -27.43 11.52 3.81
CA GLY A 54 -27.03 12.25 2.62
C GLY A 54 -25.97 11.48 1.86
N GLN A 55 -24.89 12.16 1.49
CA GLN A 55 -23.68 11.51 0.99
C GLN A 55 -23.92 10.69 -0.27
N GLU A 56 -23.58 11.25 -1.43
CA GLU A 56 -23.71 10.51 -2.68
C GLU A 56 -22.40 9.85 -3.12
N TYR A 57 -21.26 10.43 -2.74
CA TYR A 57 -19.95 10.05 -3.25
C TYR A 57 -18.98 9.65 -2.16
N THR A 58 -19.45 9.49 -0.93
CA THR A 58 -18.57 9.17 0.19
C THR A 58 -18.18 7.69 0.23
N ASP A 59 -18.53 6.91 -0.78
CA ASP A 59 -18.08 5.53 -0.86
C ASP A 59 -16.75 5.40 -1.60
N TYR A 60 -16.11 6.49 -1.99
CA TYR A 60 -14.93 6.42 -2.83
C TYR A 60 -13.65 6.77 -2.08
N ILE A 61 -12.61 5.96 -2.30
CA ILE A 61 -11.24 6.31 -1.99
C ILE A 61 -10.38 5.75 -3.12
N ASN A 62 -9.28 6.42 -3.41
CA ASN A 62 -8.36 5.93 -4.45
C ASN A 62 -7.54 4.82 -3.81
N ALA A 63 -8.03 3.60 -3.94
CA ALA A 63 -7.42 2.43 -3.31
C ALA A 63 -7.94 1.20 -4.03
N SER A 64 -7.07 0.21 -4.23
CA SER A 64 -7.44 -1.02 -4.92
C SER A 64 -7.10 -2.24 -4.07
N PHE A 65 -8.04 -3.19 -4.00
CA PHE A 65 -7.71 -4.50 -3.46
C PHE A 65 -6.82 -5.24 -4.45
N ILE A 66 -5.71 -5.80 -3.95
CA ILE A 66 -4.73 -6.49 -4.78
C ILE A 66 -4.58 -7.92 -4.28
N ASP A 67 -4.57 -8.88 -5.21
CA ASP A 67 -4.41 -10.27 -4.83
C ASP A 67 -3.01 -10.56 -4.32
N GLY A 68 -2.93 -11.36 -3.25
CA GLY A 68 -1.68 -11.92 -2.79
C GLY A 68 -1.40 -13.26 -3.46
N TYR A 69 -0.33 -13.90 -3.00
CA TYR A 69 0.02 -15.22 -3.54
C TYR A 69 -1.05 -16.24 -3.22
N ARG A 70 -1.37 -16.42 -1.94
CA ARG A 70 -2.34 -17.43 -1.51
C ARG A 70 -3.77 -16.90 -1.38
N GLN A 71 -3.98 -15.58 -1.38
CA GLN A 71 -5.26 -15.06 -0.92
C GLN A 71 -5.67 -13.88 -1.79
N LYS A 72 -6.92 -13.88 -2.23
CA LYS A 72 -7.49 -12.73 -2.92
C LYS A 72 -7.59 -11.54 -1.97
N ASP A 73 -7.49 -10.34 -2.54
CA ASP A 73 -7.74 -9.11 -1.80
C ASP A 73 -6.85 -9.01 -0.56
N TYR A 74 -5.62 -9.52 -0.68
CA TYR A 74 -4.72 -9.55 0.45
C TYR A 74 -4.12 -8.19 0.74
N PHE A 75 -3.94 -7.37 -0.28
CA PHE A 75 -3.38 -6.03 -0.13
C PHE A 75 -4.42 -4.99 -0.51
N ILE A 76 -4.29 -3.82 0.08
CA ILE A 76 -4.88 -2.58 -0.43
C ILE A 76 -3.73 -1.72 -0.91
N ALA A 77 -3.68 -1.44 -2.19
CA ALA A 77 -2.70 -0.48 -2.72
C ALA A 77 -3.40 0.87 -2.83
N THR A 78 -2.85 1.90 -2.17
CA THR A 78 -3.52 3.18 -2.19
C THR A 78 -2.48 4.30 -2.28
N GLN A 79 -2.96 5.49 -2.61
CA GLN A 79 -2.08 6.65 -2.62
C GLN A 79 -1.88 7.18 -1.20
N GLY A 80 -0.82 7.95 -1.01
CA GLY A 80 -0.67 8.71 0.20
C GLY A 80 -1.87 9.62 0.41
N PRO A 81 -2.45 9.58 1.60
CA PRO A 81 -3.61 10.43 1.88
C PRO A 81 -3.32 11.89 1.56
N LEU A 82 -4.38 12.60 1.19
CA LEU A 82 -4.38 14.05 1.09
C LEU A 82 -5.02 14.63 2.35
N ALA A 83 -4.85 15.93 2.55
CA ALA A 83 -5.49 16.58 3.70
C ALA A 83 -6.99 16.32 3.71
N HIS A 84 -7.63 16.37 2.55
CA HIS A 84 -9.08 16.17 2.47
C HIS A 84 -9.48 14.71 2.23
N THR A 85 -8.54 13.76 2.20
CA THR A 85 -8.90 12.33 2.22
C THR A 85 -8.42 11.60 3.47
N VAL A 86 -7.77 12.27 4.43
CA VAL A 86 -7.24 11.55 5.60
C VAL A 86 -8.36 10.86 6.38
N GLU A 87 -9.52 11.52 6.50
CA GLU A 87 -10.64 10.88 7.18
C GLU A 87 -11.10 9.62 6.45
N ASP A 88 -11.16 9.69 5.11
CA ASP A 88 -11.53 8.52 4.31
C ASP A 88 -10.51 7.40 4.50
N PHE A 89 -9.22 7.74 4.50
CA PHE A 89 -8.15 6.75 4.68
C PHE A 89 -8.33 5.97 5.98
N TRP A 90 -8.53 6.68 7.10
CA TRP A 90 -8.70 5.98 8.37
C TRP A 90 -10.02 5.23 8.42
N ARG A 91 -11.06 5.77 7.79
CA ARG A 91 -12.31 5.03 7.70
C ARG A 91 -12.13 3.73 6.91
N MET A 92 -11.36 3.78 5.82
CA MET A 92 -11.03 2.55 5.08
C MET A 92 -10.32 1.54 5.97
N ILE A 93 -9.27 1.97 6.67
CA ILE A 93 -8.53 1.11 7.61
C ILE A 93 -9.50 0.44 8.58
N TRP A 94 -10.44 1.22 9.12
CA TRP A 94 -11.38 0.65 10.09
C TRP A 94 -12.35 -0.31 9.41
N GLU A 95 -13.06 0.16 8.36
CA GLU A 95 -14.18 -0.61 7.82
C GLU A 95 -13.71 -1.93 7.20
N TRP A 96 -12.49 -1.97 6.66
CA TRP A 96 -11.97 -3.19 6.08
C TRP A 96 -10.99 -3.91 7.01
N LYS A 97 -10.90 -3.50 8.27
CA LYS A 97 -10.17 -4.25 9.30
C LYS A 97 -8.71 -4.48 8.91
N SER A 98 -8.06 -3.45 8.37
CA SER A 98 -6.63 -3.51 8.15
C SER A 98 -5.90 -3.23 9.48
N HIS A 99 -4.93 -4.07 9.82
CA HIS A 99 -4.13 -3.87 11.02
C HIS A 99 -2.71 -3.49 10.71
N THR A 100 -2.38 -3.38 9.43
CA THR A 100 -0.99 -3.22 9.00
C THR A 100 -0.97 -2.19 7.88
N ILE A 101 -0.12 -1.18 8.06
CA ILE A 101 0.12 -0.18 7.03
C ILE A 101 1.59 -0.20 6.68
N VAL A 102 1.90 -0.23 5.39
CA VAL A 102 3.26 -0.15 4.89
C VAL A 102 3.41 1.15 4.14
N MET A 103 4.31 2.01 4.61
CA MET A 103 4.53 3.33 4.03
C MET A 103 5.90 3.34 3.36
N LEU A 104 5.93 3.63 2.06
CA LEU A 104 7.15 3.52 1.28
C LEU A 104 7.69 4.88 0.83
N THR A 105 7.34 5.95 1.53
CA THR A 105 7.80 7.28 1.14
C THR A 105 7.98 8.11 2.40
N GLU A 106 8.79 9.15 2.30
CA GLU A 106 8.71 10.20 3.31
C GLU A 106 7.53 11.12 2.99
N VAL A 107 7.07 11.85 4.01
CA VAL A 107 5.93 12.74 3.76
C VAL A 107 6.33 13.87 2.83
N GLN A 108 7.62 14.20 2.79
CA GLN A 108 8.17 15.20 1.90
C GLN A 108 9.45 14.63 1.30
N GLU A 109 9.58 14.71 -0.02
CA GLU A 109 10.78 14.23 -0.70
C GLU A 109 11.14 15.24 -1.78
N ARG A 110 12.35 15.81 -1.67
CA ARG A 110 12.85 16.77 -2.63
C ARG A 110 11.87 17.94 -2.79
N GLU A 111 11.69 18.68 -1.69
CA GLU A 111 10.85 19.86 -1.63
C GLU A 111 9.37 19.54 -1.77
N GLN A 112 9.04 18.54 -2.60
CA GLN A 112 7.65 18.23 -2.93
C GLN A 112 6.97 17.38 -1.86
N ASP A 113 5.69 17.66 -1.64
CA ASP A 113 4.89 16.92 -0.67
C ASP A 113 4.39 15.61 -1.30
N LYS A 114 4.68 14.49 -0.63
CA LYS A 114 4.32 13.17 -1.14
C LYS A 114 3.16 12.53 -0.38
N CYS A 115 2.93 12.94 0.87
CA CYS A 115 1.95 12.31 1.73
C CYS A 115 1.64 13.24 2.90
N TYR A 116 0.36 13.52 3.13
CA TYR A 116 -0.04 14.20 4.36
C TYR A 116 0.27 13.29 5.53
N GLN A 117 0.75 13.86 6.63
CA GLN A 117 1.07 13.00 7.77
C GLN A 117 -0.23 12.63 8.47
N TYR A 118 -0.65 11.39 8.31
CA TYR A 118 -1.97 10.98 8.78
C TYR A 118 -1.94 10.35 10.17
N TRP A 119 -0.75 10.18 10.75
CA TRP A 119 -0.53 9.58 12.06
C TRP A 119 0.06 10.59 13.02
N PRO A 120 -0.14 10.42 14.33
CA PRO A 120 0.48 11.32 15.30
C PRO A 120 1.91 10.91 15.61
N THR A 121 2.85 11.87 15.59
CA THR A 121 4.21 11.56 16.00
C THR A 121 4.28 11.29 17.50
N GLU A 122 3.55 12.07 18.29
CA GLU A 122 3.37 11.85 19.72
C GLU A 122 1.92 12.16 20.07
N GLY A 123 1.41 11.53 21.12
CA GLY A 123 0.03 11.80 21.51
C GLY A 123 -0.99 11.25 20.51
N SER A 124 -2.09 11.99 20.36
CA SER A 124 -3.30 11.50 19.69
C SER A 124 -3.72 12.47 18.60
N VAL A 125 -4.45 11.96 17.62
CA VAL A 125 -5.14 12.81 16.65
C VAL A 125 -6.47 12.17 16.29
N THR A 126 -7.45 13.02 15.96
CA THR A 126 -8.78 12.58 15.59
C THR A 126 -9.07 13.03 14.17
N HIS A 127 -9.47 12.09 13.33
CA HIS A 127 -9.88 12.36 11.95
C HIS A 127 -11.28 11.78 11.79
N GLY A 128 -12.28 12.65 11.68
CA GLY A 128 -13.65 12.16 11.62
C GLY A 128 -14.04 11.54 12.94
N GLU A 129 -14.61 10.33 12.87
CA GLU A 129 -15.06 9.60 14.04
C GLU A 129 -13.97 8.71 14.67
N ILE A 130 -12.73 8.81 14.18
CA ILE A 130 -11.67 7.87 14.55
C ILE A 130 -10.55 8.62 15.25
N THR A 131 -10.10 8.09 16.40
CA THR A 131 -8.97 8.63 17.13
C THR A 131 -7.79 7.69 17.03
N ILE A 132 -6.60 8.26 16.79
CA ILE A 132 -5.36 7.50 16.62
C ILE A 132 -4.36 7.99 17.66
N GLU A 133 -3.90 7.09 18.51
CA GLU A 133 -2.95 7.40 19.59
C GLU A 133 -1.72 6.54 19.41
N ILE A 134 -0.56 7.18 19.24
CA ILE A 134 0.66 6.39 19.06
C ILE A 134 1.07 5.85 20.42
N LYS A 135 1.33 4.54 20.47
CA LYS A 135 1.73 3.86 21.69
C LYS A 135 3.20 3.47 21.72
N ASN A 136 3.82 3.29 20.56
CA ASN A 136 5.24 2.91 20.52
C ASN A 136 5.79 3.24 19.13
N ASP A 137 7.07 3.60 19.11
CA ASP A 137 7.75 3.95 17.87
C ASP A 137 9.16 3.39 17.99
N THR A 138 9.49 2.42 17.16
CA THR A 138 10.78 1.71 17.24
C THR A 138 11.50 1.82 15.91
N LEU A 139 12.72 2.36 15.93
CA LEU A 139 13.54 2.47 14.73
C LEU A 139 14.55 1.33 14.71
N SER A 140 14.57 0.57 13.63
CA SER A 140 15.49 -0.55 13.49
C SER A 140 16.04 -0.49 12.06
N GLU A 141 17.24 0.07 11.92
CA GLU A 141 17.88 0.32 10.63
C GLU A 141 17.06 1.33 9.83
N ALA A 142 16.59 0.95 8.64
CA ALA A 142 15.84 1.86 7.79
C ALA A 142 14.34 1.67 7.88
N ILE A 143 13.84 1.16 9.01
CA ILE A 143 12.42 0.88 9.21
C ILE A 143 12.00 1.41 10.58
N SER A 144 11.04 2.33 10.59
CA SER A 144 10.33 2.70 11.80
C SER A 144 9.07 1.85 11.91
N ILE A 145 8.90 1.20 13.05
CA ILE A 145 7.70 0.42 13.33
C ILE A 145 6.92 1.16 14.43
N ARG A 146 5.69 1.54 14.12
CA ARG A 146 4.86 2.34 15.01
C ARG A 146 3.54 1.62 15.27
N ASP A 147 3.20 1.48 16.55
CA ASP A 147 1.97 0.82 16.99
C ASP A 147 1.01 1.89 17.50
N PHE A 148 -0.19 1.95 16.94
CA PHE A 148 -1.19 2.96 17.28
C PHE A 148 -2.40 2.29 17.90
N LEU A 149 -2.98 2.96 18.87
CA LEU A 149 -4.29 2.58 19.37
C LEU A 149 -5.31 3.35 18.56
N VAL A 150 -6.18 2.64 17.86
CA VAL A 150 -7.18 3.25 16.98
C VAL A 150 -8.57 2.99 17.55
N THR A 151 -9.31 4.07 17.79
CA THR A 151 -10.63 4.02 18.40
C THR A 151 -11.68 4.61 17.46
N LEU A 152 -12.74 3.85 17.19
CA LEU A 152 -13.93 4.39 16.55
C LEU A 152 -14.86 4.94 17.63
N ASN A 153 -15.10 6.24 17.60
CA ASN A 153 -15.83 6.93 18.65
C ASN A 153 -17.35 6.86 18.49
N GLN A 154 -17.84 6.30 17.39
CA GLN A 154 -19.28 6.26 17.13
C GLN A 154 -19.73 4.82 16.92
N PRO A 155 -20.83 4.39 17.56
CA PRO A 155 -21.59 5.18 18.54
C PRO A 155 -20.86 5.20 19.89
N GLN A 156 -21.08 6.27 20.67
CA GLN A 156 -20.42 6.38 21.97
C GLN A 156 -20.68 5.14 22.84
N ALA A 157 -21.84 4.52 22.71
CA ALA A 157 -22.18 3.36 23.53
C ALA A 157 -21.19 2.21 23.34
N ARG A 158 -20.63 2.06 22.14
CA ARG A 158 -19.71 0.96 21.82
C ARG A 158 -18.25 1.39 21.80
N GLN A 159 -17.89 2.54 22.38
CA GLN A 159 -16.52 3.02 22.26
C GLN A 159 -15.52 2.04 22.87
N GLU A 160 -15.87 1.44 24.02
CA GLU A 160 -14.91 0.57 24.71
C GLU A 160 -14.54 -0.65 23.89
N GLU A 161 -15.52 -1.25 23.20
CA GLU A 161 -15.25 -2.42 22.38
C GLU A 161 -14.68 -2.08 21.02
N GLN A 162 -14.69 -0.80 20.65
CA GLN A 162 -14.21 -0.39 19.32
C GLN A 162 -12.82 0.22 19.42
N VAL A 163 -11.86 -0.60 19.83
N VAL A 163 -11.86 -0.61 19.85
CA VAL A 163 -10.45 -0.22 19.91
CA VAL A 163 -10.45 -0.24 19.92
C VAL A 163 -9.61 -1.33 19.29
C VAL A 163 -9.64 -1.33 19.25
N ARG A 164 -8.63 -0.93 18.49
CA ARG A 164 -7.76 -1.86 17.78
C ARG A 164 -6.35 -1.29 17.80
N VAL A 165 -5.37 -2.19 17.64
CA VAL A 165 -4.00 -1.77 17.39
C VAL A 165 -3.73 -1.90 15.89
N VAL A 166 -3.20 -0.84 15.30
CA VAL A 166 -2.78 -0.80 13.91
C VAL A 166 -1.30 -0.51 13.90
N ARG A 167 -0.53 -1.34 13.18
CA ARG A 167 0.90 -1.19 13.10
C ARG A 167 1.31 -0.62 11.75
N GLN A 168 2.11 0.43 11.78
CA GLN A 168 2.67 1.03 10.58
C GLN A 168 4.13 0.67 10.46
N PHE A 169 4.53 0.11 9.31
CA PHE A 169 5.92 -0.07 8.94
C PHE A 169 6.31 1.09 8.03
N HIS A 170 7.20 1.95 8.50
CA HIS A 170 7.61 3.14 7.76
C HIS A 170 9.01 2.90 7.22
N PHE A 171 9.11 2.68 5.92
CA PHE A 171 10.37 2.33 5.29
C PHE A 171 11.10 3.60 4.91
N HIS A 172 12.32 3.76 5.42
CA HIS A 172 13.14 4.92 5.14
C HIS A 172 14.25 4.63 4.13
N GLY A 173 14.31 3.41 3.58
CA GLY A 173 15.44 2.97 2.80
C GLY A 173 15.31 3.16 1.30
N TRP A 174 14.37 4.00 0.86
CA TRP A 174 14.22 4.28 -0.56
C TRP A 174 14.75 5.67 -0.86
N PRO A 175 15.81 5.79 -1.66
CA PRO A 175 16.39 7.11 -1.93
C PRO A 175 15.41 8.02 -2.63
N ASP A 176 15.61 9.34 -2.45
CA ASP A 176 14.79 10.33 -3.15
C ASP A 176 14.93 10.24 -4.65
N ILE A 177 16.01 9.65 -5.15
CA ILE A 177 16.26 9.48 -6.57
C ILE A 177 16.74 8.06 -6.80
N GLY A 178 16.15 7.38 -7.80
CA GLY A 178 16.58 6.05 -8.13
C GLY A 178 15.99 4.98 -7.22
N ILE A 179 16.77 3.93 -7.01
CA ILE A 179 16.30 2.74 -6.29
C ILE A 179 17.32 2.42 -5.21
N PRO A 180 16.93 1.67 -4.19
CA PRO A 180 17.89 1.32 -3.14
C PRO A 180 19.09 0.58 -3.71
N ALA A 181 20.25 0.82 -3.10
CA ALA A 181 21.48 0.18 -3.56
C ALA A 181 21.59 -1.26 -3.12
N GLU A 182 20.83 -1.68 -2.11
CA GLU A 182 20.86 -3.05 -1.61
C GLU A 182 19.43 -3.56 -1.45
N GLY A 183 19.30 -4.89 -1.45
CA GLY A 183 18.01 -5.53 -1.23
C GLY A 183 17.66 -5.82 0.21
N LYS A 184 18.63 -5.77 1.13
CA LYS A 184 18.40 -6.19 2.51
C LYS A 184 17.26 -5.43 3.17
N GLY A 185 17.24 -4.10 3.00
CA GLY A 185 16.16 -3.30 3.57
C GLY A 185 14.79 -3.80 3.15
N MET A 186 14.59 -4.01 1.85
CA MET A 186 13.29 -4.46 1.35
C MET A 186 12.96 -5.86 1.89
N ILE A 187 13.96 -6.75 1.92
CA ILE A 187 13.76 -8.10 2.45
C ILE A 187 13.35 -8.06 3.92
N ASP A 188 14.02 -7.21 4.71
CA ASP A 188 13.67 -7.08 6.11
C ASP A 188 12.29 -6.46 6.30
N LEU A 189 11.93 -5.49 5.45
CA LEU A 189 10.59 -4.92 5.53
C LEU A 189 9.54 -6.00 5.31
N ILE A 190 9.67 -6.77 4.22
CA ILE A 190 8.74 -7.85 3.92
C ILE A 190 8.68 -8.87 5.06
N ALA A 191 9.83 -9.21 5.64
CA ALA A 191 9.83 -10.25 6.68
C ALA A 191 9.14 -9.75 7.96
N ALA A 192 9.39 -8.50 8.35
CA ALA A 192 8.67 -7.95 9.50
C ALA A 192 7.18 -7.86 9.25
N VAL A 193 6.77 -7.45 8.04
CA VAL A 193 5.35 -7.41 7.71
C VAL A 193 4.75 -8.80 7.80
N GLN A 194 5.47 -9.82 7.31
CA GLN A 194 4.97 -11.19 7.39
C GLN A 194 4.79 -11.66 8.83
N LYS A 195 5.74 -11.31 9.72
CA LYS A 195 5.61 -11.69 11.13
C LYS A 195 4.35 -11.09 11.75
N GLN A 196 4.07 -9.84 11.45
CA GLN A 196 2.88 -9.20 11.98
C GLN A 196 1.62 -9.89 11.48
N GLN A 197 1.61 -10.27 10.21
CA GLN A 197 0.40 -10.84 9.62
C GLN A 197 0.11 -12.25 10.12
N GLN A 198 1.12 -12.97 10.62
CA GLN A 198 0.86 -14.23 11.32
C GLN A 198 -0.09 -14.01 12.50
N GLN A 199 0.11 -12.93 13.25
CA GLN A 199 -0.67 -12.67 14.45
C GLN A 199 -2.06 -12.11 14.15
N THR A 200 -2.22 -11.34 13.09
CA THR A 200 -3.52 -10.76 12.82
C THR A 200 -4.40 -11.68 11.98
N GLY A 201 -3.80 -12.42 11.05
CA GLY A 201 -4.57 -13.34 10.24
C GLY A 201 -4.91 -12.80 8.88
N ASN A 202 -6.08 -13.19 8.36
CA ASN A 202 -6.53 -12.78 7.03
C ASN A 202 -7.07 -11.34 7.05
N HIS A 203 -6.20 -10.41 7.41
CA HIS A 203 -6.61 -9.03 7.29
C HIS A 203 -5.79 -8.32 6.23
N PRO A 204 -6.40 -7.43 5.44
CA PRO A 204 -5.68 -6.81 4.33
C PRO A 204 -4.55 -5.89 4.81
N ILE A 205 -3.46 -5.91 4.05
CA ILE A 205 -2.29 -5.08 4.32
C ILE A 205 -2.39 -3.81 3.49
N THR A 206 -2.45 -2.65 4.13
CA THR A 206 -2.54 -1.38 3.42
C THR A 206 -1.14 -0.89 3.07
N VAL A 207 -0.91 -0.63 1.79
CA VAL A 207 0.39 -0.25 1.25
C VAL A 207 0.23 1.05 0.46
N HIS A 208 1.09 2.03 0.72
CA HIS A 208 1.02 3.27 -0.04
C HIS A 208 2.40 3.88 -0.19
N CYS A 209 2.58 4.60 -1.29
CA CYS A 209 3.75 5.45 -1.46
C CYS A 209 3.23 6.86 -1.65
N SER A 210 3.31 7.41 -2.88
CA SER A 210 2.70 8.69 -3.17
C SER A 210 1.49 8.54 -4.09
N ALA A 211 1.68 8.02 -5.29
CA ALA A 211 0.53 7.67 -6.12
C ALA A 211 -0.03 6.28 -5.82
N GLY A 212 0.73 5.42 -5.15
CA GLY A 212 0.24 4.09 -4.92
C GLY A 212 0.41 3.17 -6.10
N ALA A 213 1.46 3.39 -6.89
CA ALA A 213 1.72 2.54 -8.06
C ALA A 213 3.15 2.00 -8.05
N GLY A 214 4.14 2.89 -8.03
CA GLY A 214 5.52 2.52 -8.28
C GLY A 214 6.18 1.74 -7.17
N ARG A 215 6.48 2.40 -6.06
CA ARG A 215 7.05 1.69 -4.91
C ARG A 215 6.05 0.72 -4.32
N THR A 216 4.78 1.13 -4.26
CA THR A 216 3.73 0.26 -3.78
C THR A 216 3.68 -1.04 -4.58
N GLY A 217 3.65 -0.94 -5.91
CA GLY A 217 3.65 -2.15 -6.72
C GLY A 217 4.89 -3.00 -6.52
N THR A 218 6.05 -2.33 -6.33
CA THR A 218 7.29 -3.07 -6.11
C THR A 218 7.24 -3.86 -4.81
N PHE A 219 6.74 -3.27 -3.73
CA PHE A 219 6.64 -4.00 -2.47
C PHE A 219 5.69 -5.17 -2.61
N ILE A 220 4.55 -4.96 -3.27
CA ILE A 220 3.55 -6.02 -3.37
C ILE A 220 4.04 -7.14 -4.28
N ALA A 221 4.62 -6.78 -5.44
CA ALA A 221 5.18 -7.77 -6.35
C ALA A 221 6.20 -8.64 -5.63
N LEU A 222 7.10 -8.01 -4.88
CA LEU A 222 8.13 -8.77 -4.17
C LEU A 222 7.55 -9.63 -3.06
N SER A 223 6.56 -9.12 -2.31
CA SER A 223 5.89 -9.99 -1.34
C SER A 223 5.31 -11.23 -2.03
N ASN A 224 4.66 -11.03 -3.17
CA ASN A 224 4.03 -12.14 -3.87
C ASN A 224 5.07 -13.09 -4.46
N ILE A 225 6.12 -12.54 -5.07
CA ILE A 225 7.14 -13.37 -5.71
C ILE A 225 7.88 -14.21 -4.67
N LEU A 226 8.33 -13.57 -3.59
CA LEU A 226 9.11 -14.30 -2.57
C LEU A 226 8.27 -15.38 -1.91
N GLU A 227 6.96 -15.17 -1.75
CA GLU A 227 6.10 -16.22 -1.22
C GLU A 227 6.01 -17.39 -2.19
N ARG A 228 5.91 -17.10 -3.49
CA ARG A 228 5.86 -18.16 -4.49
C ARG A 228 7.19 -18.91 -4.56
N VAL A 229 8.31 -18.19 -4.49
CA VAL A 229 9.61 -18.87 -4.45
C VAL A 229 9.69 -19.80 -3.25
N LYS A 230 9.17 -19.37 -2.09
CA LYS A 230 9.21 -20.21 -0.90
C LYS A 230 8.30 -21.43 -1.02
N ALA A 231 7.11 -21.25 -1.57
CA ALA A 231 6.12 -22.33 -1.60
C ALA A 231 6.34 -23.29 -2.77
N GLU A 232 6.68 -22.75 -3.95
CA GLU A 232 6.79 -23.57 -5.15
C GLU A 232 8.20 -23.66 -5.70
N GLY A 233 9.08 -22.75 -5.32
CA GLY A 233 10.37 -22.64 -5.96
C GLY A 233 10.34 -22.02 -7.34
N LEU A 234 9.17 -21.68 -7.86
CA LEU A 234 9.06 -21.12 -9.20
C LEU A 234 9.64 -19.72 -9.23
N LEU A 235 10.59 -19.51 -10.14
CA LEU A 235 11.26 -18.21 -10.30
C LEU A 235 10.59 -17.54 -11.49
N ASP A 236 9.61 -16.72 -11.19
CA ASP A 236 9.01 -15.82 -12.15
C ASP A 236 8.96 -14.45 -11.52
N VAL A 237 9.26 -13.43 -12.32
CA VAL A 237 9.00 -12.05 -11.95
C VAL A 237 8.00 -11.39 -12.88
N PHE A 238 8.05 -11.74 -14.17
CA PHE A 238 7.27 -11.04 -15.18
C PHE A 238 5.76 -11.22 -14.95
N GLN A 239 5.32 -12.47 -14.79
CA GLN A 239 3.88 -12.71 -14.65
C GLN A 239 3.33 -12.07 -13.38
N ALA A 240 4.11 -12.05 -12.30
CA ALA A 240 3.63 -11.44 -11.06
C ALA A 240 3.45 -9.93 -11.23
N VAL A 241 4.40 -9.27 -11.87
CA VAL A 241 4.27 -7.84 -12.14
C VAL A 241 3.19 -7.57 -13.18
N LYS A 242 3.10 -8.42 -14.21
CA LYS A 242 2.02 -8.25 -15.19
C LYS A 242 0.66 -8.31 -14.53
N SER A 243 0.47 -9.25 -13.61
CA SER A 243 -0.80 -9.36 -12.91
C SER A 243 -1.13 -8.07 -12.16
N LEU A 244 -0.13 -7.43 -11.56
CA LEU A 244 -0.37 -6.19 -10.84
C LEU A 244 -0.74 -5.06 -11.79
N ARG A 245 -0.08 -4.99 -12.95
CA ARG A 245 -0.40 -3.97 -13.95
C ARG A 245 -1.84 -4.10 -14.44
N LEU A 246 -2.39 -5.31 -14.40
CA LEU A 246 -3.79 -5.55 -14.74
C LEU A 246 -4.74 -5.24 -13.58
N GLN A 247 -4.22 -5.03 -12.36
CA GLN A 247 -5.09 -4.74 -11.23
C GLN A 247 -5.13 -3.28 -10.83
N ARG A 248 -4.12 -2.49 -11.20
CA ARG A 248 -4.08 -1.07 -10.86
C ARG A 248 -3.09 -0.43 -11.81
N PRO A 249 -3.40 0.73 -12.41
CA PRO A 249 -2.49 1.34 -13.39
C PRO A 249 -1.09 1.58 -12.85
N HIS A 250 -0.09 1.17 -13.63
CA HIS A 250 1.32 1.50 -13.46
C HIS A 250 1.97 0.84 -12.24
N MET A 251 1.42 -0.22 -11.68
CA MET A 251 2.10 -0.95 -10.61
C MET A 251 3.48 -1.41 -11.08
N VAL A 252 4.52 -1.09 -10.27
CA VAL A 252 5.92 -1.21 -10.69
C VAL A 252 6.09 -0.30 -11.90
N GLN A 253 6.40 0.96 -11.64
CA GLN A 253 6.19 1.99 -12.67
C GLN A 253 7.37 2.14 -13.63
N THR A 254 8.59 1.96 -13.15
CA THR A 254 9.75 2.28 -13.96
C THR A 254 10.64 1.06 -14.14
N LEU A 255 11.49 1.13 -15.18
N LEU A 255 11.49 1.16 -15.18
CA LEU A 255 12.45 0.07 -15.45
CA LEU A 255 12.47 0.11 -15.47
C LEU A 255 13.37 -0.18 -14.25
C LEU A 255 13.38 -0.17 -14.28
N GLU A 256 13.84 0.89 -13.60
CA GLU A 256 14.73 0.70 -12.45
C GLU A 256 14.02 -0.03 -11.31
N GLN A 257 12.72 0.23 -11.12
CA GLN A 257 11.98 -0.52 -10.10
C GLN A 257 11.86 -1.99 -10.49
N TYR A 258 11.63 -2.26 -11.78
CA TYR A 258 11.57 -3.64 -12.26
C TYR A 258 12.91 -4.34 -12.06
N GLU A 259 14.01 -3.66 -12.41
CA GLU A 259 15.35 -4.16 -12.07
C GLU A 259 15.48 -4.45 -10.58
N PHE A 260 15.00 -3.54 -9.74
CA PHE A 260 15.10 -3.74 -8.30
C PHE A 260 14.41 -5.03 -7.85
N CYS A 261 13.26 -5.35 -8.46
CA CYS A 261 12.57 -6.59 -8.12
C CYS A 261 13.48 -7.80 -8.33
N TYR A 262 14.09 -7.90 -9.51
CA TYR A 262 15.02 -8.99 -9.78
C TYR A 262 16.16 -9.02 -8.78
N LYS A 263 16.71 -7.84 -8.46
CA LYS A 263 17.82 -7.78 -7.52
C LYS A 263 17.40 -8.26 -6.13
N VAL A 264 16.22 -7.84 -5.67
CA VAL A 264 15.76 -8.29 -4.36
C VAL A 264 15.55 -9.79 -4.34
N VAL A 265 15.03 -10.37 -5.42
N VAL A 265 14.98 -10.35 -5.41
CA VAL A 265 14.77 -11.81 -5.39
CA VAL A 265 14.78 -11.80 -5.46
C VAL A 265 16.07 -12.60 -5.47
C VAL A 265 16.11 -12.51 -5.36
N GLN A 266 17.10 -12.04 -6.11
CA GLN A 266 18.42 -12.67 -6.05
C GLN A 266 19.01 -12.57 -4.65
N ASP A 267 18.92 -11.39 -4.03
CA ASP A 267 19.37 -11.27 -2.65
C ASP A 267 18.62 -12.22 -1.72
N PHE A 268 17.33 -12.44 -1.98
CA PHE A 268 16.56 -13.35 -1.13
C PHE A 268 17.03 -14.79 -1.29
N ILE A 269 17.32 -15.20 -2.52
CA ILE A 269 17.83 -16.55 -2.76
C ILE A 269 19.18 -16.75 -2.06
N ASP A 270 20.04 -15.72 -2.07
CA ASP A 270 21.34 -15.83 -1.42
C ASP A 270 21.21 -16.01 0.09
N ILE A 271 20.30 -15.27 0.72
CA ILE A 271 20.02 -15.49 2.14
C ILE A 271 19.45 -16.88 2.34
N PHE A 272 18.53 -17.27 1.47
CA PHE A 272 17.95 -18.61 1.48
C PHE A 272 19.02 -19.71 1.40
N SER A 273 20.22 -19.38 0.91
CA SER A 273 21.27 -20.35 0.58
C SER A 273 20.71 -21.54 -0.20
#